data_8R28
#
_entry.id   8R28
#
_cell.length_a   98.411
_cell.length_b   98.411
_cell.length_c   27.579
_cell.angle_alpha   90.000
_cell.angle_beta   90.000
_cell.angle_gamma   120.000
#
_symmetry.space_group_name_H-M   'P 65'
#
loop_
_entity.id
_entity.type
_entity.pdbx_description
1 polymer 'Cystatin domain-containing protein'
2 non-polymer 'SULFATE ION'
3 water water
#
_entity_poly.entity_id   1
_entity_poly.type   'polypeptide(L)'
_entity_poly.pdbx_seq_one_letter_code
;MAPQGPPIPVLGGWQKKTPVDNEQYKELAHFAVSKQVEGREFFDTVLEVTDVETQVVAGTNYRITFKIAESTCRVTETYS
KETCLPKTRDVKSTCTAVITEPLNNERFVHSFTCGGAAASK
;
_entity_poly.pdbx_strand_id   A
#
loop_
_chem_comp.id
_chem_comp.type
_chem_comp.name
_chem_comp.formula
SO4 non-polymer 'SULFATE ION' 'O4 S -2'
#
# COMPACT_ATOMS: atom_id res chain seq x y z
N GLY A 13 -14.12 16.56 -0.53
CA GLY A 13 -13.38 15.70 0.42
C GLY A 13 -13.10 14.32 -0.20
N TRP A 14 -12.89 13.34 0.67
CA TRP A 14 -12.70 11.97 0.24
C TRP A 14 -13.99 11.37 -0.30
N GLN A 15 -13.92 10.77 -1.49
CA GLN A 15 -15.05 10.09 -2.09
C GLN A 15 -14.75 8.59 -2.13
N LYS A 16 -15.73 7.81 -1.67
CA LYS A 16 -15.69 6.36 -1.68
C LYS A 16 -15.64 5.87 -3.13
N LYS A 17 -14.80 4.85 -3.36
CA LYS A 17 -14.70 4.20 -4.66
C LYS A 17 -15.07 2.73 -4.53
N THR A 18 -15.86 2.27 -5.50
CA THR A 18 -16.20 0.86 -5.60
C THR A 18 -16.35 0.54 -7.08
N PRO A 19 -16.09 -0.71 -7.49
CA PRO A 19 -15.62 -1.78 -6.61
C PRO A 19 -14.15 -1.66 -6.19
N VAL A 20 -13.76 -2.32 -5.09
CA VAL A 20 -12.41 -2.13 -4.55
C VAL A 20 -11.42 -3.13 -5.16
N ASP A 21 -11.89 -4.07 -6.01
CA ASP A 21 -11.04 -5.12 -6.58
C ASP A 21 -10.25 -4.65 -7.81
N ASN A 22 -10.35 -3.36 -8.13
CA ASN A 22 -9.64 -2.72 -9.22
C ASN A 22 -8.15 -2.95 -9.08
N GLU A 23 -7.49 -3.41 -10.16
CA GLU A 23 -6.07 -3.68 -10.11
C GLU A 23 -5.24 -2.44 -9.76
N GLN A 24 -5.77 -1.25 -10.06
CA GLN A 24 -5.07 -0.03 -9.76
C GLN A 24 -4.84 0.10 -8.26
N TYR A 25 -5.85 -0.21 -7.45
CA TYR A 25 -5.74 0.01 -6.01
C TYR A 25 -4.78 -1.01 -5.37
N LYS A 26 -4.73 -2.21 -5.93
CA LYS A 26 -3.74 -3.21 -5.54
C LYS A 26 -2.32 -2.66 -5.73
N GLU A 27 -2.04 -2.13 -6.94
CA GLU A 27 -0.71 -1.63 -7.24
C GLU A 27 -0.36 -0.51 -6.27
N LEU A 28 -1.30 0.42 -5.97
CA LEU A 28 -1.01 1.50 -5.05
C LEU A 28 -0.73 0.99 -3.64
N ALA A 29 -1.45 -0.05 -3.19
CA ALA A 29 -1.19 -0.64 -1.89
C ALA A 29 0.20 -1.28 -1.87
N HIS A 30 0.57 -1.98 -2.94
CA HIS A 30 1.93 -2.53 -3.05
C HIS A 30 2.99 -1.43 -3.00
N PHE A 31 2.76 -0.34 -3.73
CA PHE A 31 3.67 0.78 -3.68
C PHE A 31 3.82 1.26 -2.24
N ALA A 32 2.70 1.43 -1.52
CA ALA A 32 2.79 2.01 -0.19
C ALA A 32 3.62 1.11 0.72
N VAL A 33 3.33 -0.19 0.65
CA VAL A 33 3.92 -1.10 1.59
C VAL A 33 5.40 -1.32 1.25
N SER A 34 5.76 -1.04 0.01
CA SER A 34 7.13 -1.19 -0.45
C SER A 34 8.08 -0.22 0.25
N LYS A 35 7.53 0.85 0.86
CA LYS A 35 8.34 1.87 1.50
C LYS A 35 8.21 1.79 3.03
N GLN A 36 7.40 0.86 3.54
CA GLN A 36 7.18 0.78 4.97
C GLN A 36 8.18 -0.20 5.62
N VAL A 37 9.26 0.32 6.19
CA VAL A 37 10.37 -0.54 6.65
C VAL A 37 10.66 -0.37 8.14
N GLU A 38 10.02 0.61 8.78
CA GLU A 38 10.32 0.94 10.16
C GLU A 38 10.25 -0.31 11.03
N GLY A 39 11.34 -0.64 11.72
CA GLY A 39 11.36 -1.71 12.71
C GLY A 39 11.29 -3.12 12.12
N ARG A 40 11.37 -3.27 10.79
CA ARG A 40 11.16 -4.54 10.13
C ARG A 40 12.48 -5.15 9.66
N GLU A 41 12.55 -6.48 9.63
CA GLU A 41 13.61 -7.17 8.89
CA GLU A 41 13.58 -7.22 8.91
C GLU A 41 13.12 -7.62 7.51
N PHE A 42 11.79 -7.85 7.38
CA PHE A 42 11.15 -8.22 6.13
C PHE A 42 10.07 -7.17 5.76
N PHE A 43 9.93 -6.86 4.46
CA PHE A 43 8.77 -6.12 4.02
C PHE A 43 7.49 -6.88 4.36
N ASP A 44 6.42 -6.12 4.62
CA ASP A 44 5.07 -6.68 4.60
C ASP A 44 4.59 -6.66 3.15
N THR A 45 3.56 -7.44 2.85
CA THR A 45 2.93 -7.42 1.53
C THR A 45 1.42 -7.35 1.72
N VAL A 46 0.74 -7.17 0.60
CA VAL A 46 -0.70 -6.93 0.55
C VAL A 46 -1.46 -8.23 0.35
N LEU A 47 -2.42 -8.50 1.24
CA LEU A 47 -3.29 -9.66 1.14
C LEU A 47 -4.58 -9.29 0.40
N GLU A 48 -5.18 -8.15 0.75
CA GLU A 48 -6.51 -7.81 0.24
C GLU A 48 -6.74 -6.33 0.45
N VAL A 49 -7.31 -5.66 -0.55
CA VAL A 49 -7.75 -4.29 -0.41
C VAL A 49 -9.19 -4.31 0.04
N THR A 50 -9.52 -3.54 1.09
CA THR A 50 -10.86 -3.58 1.67
C THR A 50 -11.62 -2.28 1.46
N ASP A 51 -10.94 -1.13 1.36
CA ASP A 51 -11.61 0.17 1.25
C ASP A 51 -10.73 1.15 0.51
N VAL A 52 -11.37 1.99 -0.32
CA VAL A 52 -10.66 2.96 -1.13
C VAL A 52 -11.47 4.25 -1.18
N GLU A 53 -10.79 5.38 -0.98
CA GLU A 53 -11.33 6.72 -1.20
C GLU A 53 -10.34 7.52 -2.02
N THR A 54 -10.84 8.51 -2.77
CA THR A 54 -9.97 9.40 -3.53
C THR A 54 -10.42 10.84 -3.33
N GLN A 55 -9.49 11.73 -3.66
CA GLN A 55 -9.68 13.17 -3.55
C GLN A 55 -8.72 13.81 -4.54
N VAL A 56 -9.20 14.74 -5.36
CA VAL A 56 -8.36 15.46 -6.31
C VAL A 56 -7.94 16.78 -5.65
N VAL A 57 -6.65 16.93 -5.39
CA VAL A 57 -6.05 18.17 -4.92
C VAL A 57 -4.53 18.04 -5.07
N ALA A 58 -3.93 18.97 -5.81
CA ALA A 58 -2.52 18.90 -6.18
C ALA A 58 -2.20 17.50 -6.70
N GLY A 59 -3.05 17.02 -7.61
CA GLY A 59 -2.99 15.67 -8.17
C GLY A 59 -4.16 14.81 -7.72
N THR A 60 -3.99 13.50 -7.84
CA THR A 60 -4.94 12.54 -7.31
C THR A 60 -4.36 11.93 -6.05
N ASN A 61 -5.19 11.83 -5.00
CA ASN A 61 -4.79 11.27 -3.72
C ASN A 61 -5.68 10.06 -3.51
N TYR A 62 -5.11 8.96 -3.06
CA TYR A 62 -5.82 7.71 -2.82
C TYR A 62 -5.60 7.31 -1.38
N ARG A 63 -6.68 6.97 -0.69
CA ARG A 63 -6.60 6.49 0.68
C ARG A 63 -7.09 5.05 0.66
N ILE A 64 -6.15 4.13 0.84
CA ILE A 64 -6.41 2.70 0.61
C ILE A 64 -6.20 1.96 1.92
N THR A 65 -7.22 1.21 2.32
CA THR A 65 -7.18 0.35 3.49
C THR A 65 -7.05 -1.09 3.04
N PHE A 66 -6.12 -1.82 3.67
CA PHE A 66 -5.78 -3.16 3.20
C PHE A 66 -5.16 -3.96 4.33
N LYS A 67 -5.29 -5.28 4.16
CA LYS A 67 -4.72 -6.28 5.04
C LYS A 67 -3.31 -6.61 4.56
N ILE A 68 -2.41 -6.82 5.53
CA ILE A 68 -1.03 -7.16 5.24
C ILE A 68 -0.63 -8.44 5.96
N ALA A 69 0.42 -9.07 5.41
CA ALA A 69 1.15 -10.18 6.00
C ALA A 69 2.63 -9.92 5.85
N GLU A 70 3.44 -10.50 6.76
CA GLU A 70 4.88 -10.50 6.58
C GLU A 70 5.26 -11.23 5.27
N SER A 71 6.18 -10.63 4.48
CA SER A 71 6.62 -11.18 3.22
C SER A 71 7.95 -11.92 3.37
N THR A 72 8.30 -12.62 2.28
CA THR A 72 9.53 -13.39 2.14
C THR A 72 10.76 -12.54 1.85
N CYS A 73 10.58 -11.24 1.53
CA CYS A 73 11.66 -10.36 1.12
C CYS A 73 12.21 -9.60 2.32
N ARG A 74 13.54 -9.60 2.49
CA ARG A 74 14.19 -8.75 3.48
C ARG A 74 14.19 -7.30 3.02
N VAL A 75 14.29 -6.37 3.98
CA VAL A 75 14.22 -4.95 3.66
C VAL A 75 15.46 -4.46 2.91
N THR A 76 16.49 -5.33 2.76
CA THR A 76 17.69 -5.09 2.01
C THR A 76 17.61 -5.61 0.57
N GLU A 77 16.42 -6.06 0.17
CA GLU A 77 16.09 -6.41 -1.21
C GLU A 77 15.22 -5.34 -1.85
N THR A 78 15.10 -5.36 -3.19
CA THR A 78 14.07 -4.59 -3.89
C THR A 78 12.72 -5.26 -3.70
N TYR A 79 11.70 -4.45 -3.34
CA TYR A 79 10.37 -4.93 -3.20
C TYR A 79 9.75 -5.16 -4.56
N SER A 80 9.09 -6.32 -4.70
CA SER A 80 8.29 -6.58 -5.90
C SER A 80 7.06 -7.39 -5.52
N LYS A 81 6.00 -7.18 -6.29
CA LYS A 81 4.84 -8.03 -6.13
C LYS A 81 5.18 -9.49 -6.46
N GLU A 82 6.10 -9.71 -7.41
CA GLU A 82 6.42 -11.05 -7.89
C GLU A 82 7.27 -11.83 -6.88
N THR A 83 8.03 -11.12 -6.03
CA THR A 83 9.05 -11.79 -5.22
C THR A 83 8.71 -11.76 -3.73
N CYS A 84 7.94 -10.76 -3.28
CA CYS A 84 7.67 -10.55 -1.88
C CYS A 84 6.32 -11.19 -1.60
N LEU A 85 6.34 -12.50 -1.39
CA LEU A 85 5.12 -13.27 -1.22
C LEU A 85 4.85 -13.41 0.27
N PRO A 86 3.57 -13.58 0.65
CA PRO A 86 3.23 -13.67 2.06
C PRO A 86 3.84 -14.95 2.64
N LYS A 87 4.42 -14.88 3.83
CA LYS A 87 4.97 -16.08 4.47
C LYS A 87 3.84 -17.00 4.93
N THR A 88 2.70 -16.42 5.35
CA THR A 88 1.51 -17.12 5.79
C THR A 88 0.29 -16.33 5.33
N ARG A 89 -0.90 -16.92 5.47
CA ARG A 89 -2.13 -16.22 5.12
C ARG A 89 -2.74 -15.53 6.35
N ASP A 90 -2.04 -15.64 7.49
CA ASP A 90 -2.36 -14.88 8.69
C ASP A 90 -2.31 -13.38 8.37
N VAL A 91 -3.36 -12.66 8.76
CA VAL A 91 -3.40 -11.21 8.69
C VAL A 91 -2.57 -10.64 9.83
N LYS A 92 -1.51 -9.92 9.48
CA LYS A 92 -0.67 -9.27 10.46
C LYS A 92 -1.38 -8.05 11.03
N SER A 93 -1.94 -7.20 10.15
CA SER A 93 -2.76 -6.07 10.56
C SER A 93 -3.50 -5.51 9.36
N THR A 94 -4.33 -4.53 9.65
CA THR A 94 -5.02 -3.76 8.65
C THR A 94 -4.44 -2.36 8.69
N CYS A 95 -4.08 -1.85 7.52
CA CYS A 95 -3.35 -0.59 7.40
C CYS A 95 -4.09 0.34 6.46
N THR A 96 -3.84 1.64 6.63
CA THR A 96 -4.33 2.64 5.70
C THR A 96 -3.19 3.52 5.27
N ALA A 97 -3.02 3.63 3.93
CA ALA A 97 -2.05 4.51 3.35
C ALA A 97 -2.75 5.58 2.51
N VAL A 98 -2.11 6.74 2.44
CA VAL A 98 -2.46 7.76 1.46
C VAL A 98 -1.28 7.94 0.50
N ILE A 99 -1.59 7.78 -0.79
CA ILE A 99 -0.66 7.95 -1.89
C ILE A 99 -1.11 9.21 -2.65
N THR A 100 -0.14 10.09 -2.91
CA THR A 100 -0.32 11.27 -3.72
C THR A 100 0.38 11.06 -5.07
N GLU A 101 -0.38 11.21 -6.15
CA GLU A 101 0.13 11.18 -7.52
C GLU A 101 0.02 12.58 -8.10
N PRO A 102 1.08 13.41 -8.01
CA PRO A 102 1.06 14.73 -8.63
C PRO A 102 0.87 14.62 -10.15
N LEU A 103 0.34 15.69 -10.71
CA LEU A 103 0.10 15.74 -12.14
C LEU A 103 1.40 15.52 -12.90
N ASN A 104 2.45 16.20 -12.47
CA ASN A 104 3.68 16.20 -13.23
C ASN A 104 4.90 16.24 -12.33
N ASN A 105 4.86 15.47 -11.21
CA ASN A 105 5.98 15.12 -10.36
C ASN A 105 5.76 13.68 -9.83
N GLU A 106 6.84 13.13 -9.25
CA GLU A 106 6.91 11.75 -8.77
CA GLU A 106 6.88 11.75 -8.79
C GLU A 106 5.88 11.52 -7.67
N ARG A 107 5.21 10.36 -7.72
CA ARG A 107 4.25 10.00 -6.68
C ARG A 107 4.99 9.69 -5.38
N PHE A 108 4.27 9.72 -4.27
CA PHE A 108 4.89 9.48 -2.98
C PHE A 108 3.82 9.04 -1.99
N VAL A 109 4.28 8.47 -0.89
CA VAL A 109 3.39 8.07 0.18
C VAL A 109 3.24 9.27 1.09
N HIS A 110 2.02 9.73 1.26
CA HIS A 110 1.72 10.85 2.15
C HIS A 110 1.75 10.37 3.61
N SER A 111 1.11 9.24 3.86
CA SER A 111 0.95 8.74 5.23
C SER A 111 0.71 7.22 5.20
N PHE A 112 1.05 6.56 6.32
CA PHE A 112 0.85 5.12 6.47
C PHE A 112 0.61 4.83 7.93
N THR A 113 -0.49 4.15 8.28
CA THR A 113 -0.73 3.77 9.67
C THR A 113 -1.37 2.39 9.67
N CYS A 114 -1.19 1.64 10.77
CA CYS A 114 -1.79 0.33 10.94
C CYS A 114 -2.51 0.24 12.28
N GLY A 115 -3.53 -0.61 12.37
CA GLY A 115 -4.11 -0.96 13.65
C GLY A 115 -3.26 -1.99 14.37
S SO4 B . 3.15 19.24 -9.76
O1 SO4 B . 4.25 18.54 -9.14
O2 SO4 B . 2.55 18.41 -10.77
O3 SO4 B . 2.16 19.61 -8.77
O4 SO4 B . 3.71 20.44 -10.37
#